data_4X54
#
_entry.id   4X54
#
_cell.length_a   53.190
_cell.length_b   100.880
_cell.length_c   101.410
_cell.angle_alpha   90.00
_cell.angle_beta   90.00
_cell.angle_gamma   90.00
#
_symmetry.space_group_name_H-M   'I 2 2 2'
#
loop_
_entity.id
_entity.type
_entity.pdbx_description
1 polymer 'Oxidoreductase, short chain dehydrogenase/reductase family'
2 non-polymer (4S)-2-METHYL-2,4-PENTANEDIOL
3 water water
#
_entity_poly.entity_id   1
_entity_poly.type   'polypeptide(L)'
_entity_poly.pdbx_seq_one_letter_code
;MAHHHHHHMSPDSNTDNSRPGVSSSEIPRTDTERKTLVLTGASRGIGHATVKRFSLAGWRVITCSRQDFSENCPWPAGPE
DHIKVDLSDPEDIGKAIAEIRRRLEANGSKLHALVNNAGISPKAEGGRRMNSIETPMAVWRDVFQVNFMAPIMLARGLFK
ELEAAQGSVVNVTSIAGSRVHPFAGTAYATSKAALAALTREMASDFGPYGIRVNAIAPGEIDTAILSPGTDKLVEQLPMR
RLGKTSEVAETIYFLCTETSSYVTGSEIHINGGQHV
;
_entity_poly.pdbx_strand_id   A
#
# COMPACT_ATOMS: atom_id res chain seq x y z
N ARG A 34 -12.86 17.12 -5.87
CA ARG A 34 -11.45 16.84 -5.52
C ARG A 34 -11.14 15.36 -5.60
N LYS A 35 -10.02 15.03 -6.20
CA LYS A 35 -9.60 13.63 -6.24
C LYS A 35 -9.09 13.22 -4.89
N THR A 36 -9.38 11.99 -4.52
CA THR A 36 -9.04 11.49 -3.18
C THR A 36 -8.12 10.29 -3.21
N LEU A 37 -7.16 10.31 -2.31
CA LEU A 37 -6.20 9.20 -2.09
C LEU A 37 -6.38 8.69 -0.69
N VAL A 38 -6.49 7.37 -0.51
CA VAL A 38 -6.27 6.73 0.81
C VAL A 38 -4.92 6.02 0.76
N LEU A 39 -4.06 6.40 1.70
CA LEU A 39 -2.67 5.89 1.74
C LEU A 39 -2.41 5.22 3.09
N THR A 40 -1.91 3.99 3.02
CA THR A 40 -1.42 3.33 4.25
C THR A 40 0.10 3.37 4.28
N GLY A 41 0.70 3.27 5.46
CA GLY A 41 2.18 3.39 5.45
C GLY A 41 2.66 4.79 4.99
N ALA A 42 2.13 5.79 5.68
CA ALA A 42 2.50 7.18 5.39
C ALA A 42 3.67 7.62 6.24
N SER A 43 4.61 6.73 6.44
CA SER A 43 5.77 7.03 7.28
C SER A 43 6.82 7.94 6.61
N ARG A 44 7.90 8.23 7.33
CA ARG A 44 8.99 9.03 6.75
C ARG A 44 9.54 8.23 5.57
N GLY A 45 9.94 8.93 4.53
CA GLY A 45 10.51 8.32 3.35
C GLY A 45 9.44 8.30 2.27
N ILE A 46 9.15 7.11 1.77
CA ILE A 46 8.19 6.95 0.70
C ILE A 46 6.84 7.51 1.07
N GLY A 47 6.35 7.23 2.28
CA GLY A 47 5.06 7.75 2.69
C GLY A 47 4.94 9.27 2.59
N HIS A 48 5.86 9.97 3.21
N HIS A 48 5.86 9.98 3.24
CA HIS A 48 5.83 11.42 3.23
CA HIS A 48 5.84 11.45 3.22
C HIS A 48 6.02 11.98 1.83
C HIS A 48 5.92 11.90 1.79
N ALA A 49 6.83 11.30 1.02
CA ALA A 49 7.06 11.81 -0.33
C ALA A 49 5.77 11.67 -1.15
N THR A 50 5.03 10.62 -0.89
CA THR A 50 3.77 10.34 -1.61
C THR A 50 2.68 11.32 -1.15
N VAL A 51 2.55 11.53 0.15
CA VAL A 51 1.58 12.52 0.64
C VAL A 51 1.92 13.88 0.03
N LYS A 52 3.19 14.29 0.05
CA LYS A 52 3.58 15.57 -0.53
C LYS A 52 3.20 15.69 -1.99
N ARG A 53 3.51 14.68 -2.79
CA ARG A 53 3.24 14.77 -4.22
C ARG A 53 1.75 14.91 -4.51
N PHE A 54 0.96 14.05 -3.87
CA PHE A 54 -0.47 14.17 -4.09
C PHE A 54 -1.09 15.45 -3.54
N SER A 55 -0.61 15.90 -2.39
N SER A 55 -0.61 15.90 -2.40
CA SER A 55 -1.10 17.16 -1.81
CA SER A 55 -1.10 17.15 -1.85
C SER A 55 -0.80 18.36 -2.73
C SER A 55 -0.82 18.33 -2.78
N LEU A 56 0.42 18.43 -3.26
CA LEU A 56 0.76 19.51 -4.13
C LEU A 56 -0.01 19.44 -5.45
N ALA A 57 -0.42 18.23 -5.87
CA ALA A 57 -1.26 18.08 -7.07
C ALA A 57 -2.74 18.41 -6.78
N GLY A 58 -3.07 18.77 -5.54
CA GLY A 58 -4.44 19.22 -5.23
C GLY A 58 -5.36 18.11 -4.73
N TRP A 59 -4.84 16.92 -4.46
CA TRP A 59 -5.70 15.85 -3.99
C TRP A 59 -6.00 15.97 -2.51
N ARG A 60 -7.14 15.39 -2.08
CA ARG A 60 -7.37 15.15 -0.65
C ARG A 60 -6.64 13.86 -0.30
N VAL A 61 -5.78 13.88 0.70
CA VAL A 61 -5.06 12.68 1.09
C VAL A 61 -5.52 12.25 2.48
N ILE A 62 -6.06 11.03 2.57
CA ILE A 62 -6.44 10.43 3.84
C ILE A 62 -5.39 9.40 4.21
N THR A 63 -4.65 9.66 5.29
CA THR A 63 -3.62 8.69 5.69
C THR A 63 -4.15 7.78 6.77
N CYS A 64 -3.65 6.54 6.76
CA CYS A 64 -4.01 5.55 7.78
C CYS A 64 -2.77 5.18 8.53
N SER A 65 -2.79 5.19 9.86
CA SER A 65 -1.57 4.77 10.58
C SER A 65 -2.02 4.29 11.90
N ARG A 66 -1.13 3.63 12.65
CA ARG A 66 -1.44 3.19 13.98
C ARG A 66 -1.52 4.35 15.00
N GLN A 67 -0.91 5.50 14.67
CA GLN A 67 -0.84 6.68 15.54
C GLN A 67 -2.09 7.59 15.52
N ASP A 68 -2.28 8.36 16.60
CA ASP A 68 -3.50 9.16 16.78
C ASP A 68 -3.63 10.30 15.77
N GLY A 78 -4.83 18.09 9.35
CA GLY A 78 -6.28 18.03 9.47
C GLY A 78 -6.81 16.66 9.90
N PRO A 79 -7.47 16.60 11.09
CA PRO A 79 -7.98 15.34 11.66
C PRO A 79 -8.96 14.60 10.72
N GLU A 80 -9.74 15.35 9.93
CA GLU A 80 -10.64 14.77 8.93
C GLU A 80 -9.89 13.96 7.86
N ASP A 81 -8.56 14.09 7.84
CA ASP A 81 -7.78 13.37 6.86
C ASP A 81 -6.81 12.36 7.48
N HIS A 82 -6.95 12.02 8.78
CA HIS A 82 -6.18 10.89 9.31
C HIS A 82 -7.11 9.85 9.92
N ILE A 83 -6.75 8.59 9.71
CA ILE A 83 -7.50 7.45 10.22
C ILE A 83 -6.52 6.65 11.08
N LYS A 84 -6.81 6.51 12.36
CA LYS A 84 -5.99 5.67 13.24
C LYS A 84 -6.49 4.24 13.11
N VAL A 85 -5.60 3.32 12.68
CA VAL A 85 -6.05 1.92 12.48
C VAL A 85 -4.86 1.00 12.65
N ASP A 86 -5.11 -0.12 13.32
CA ASP A 86 -4.14 -1.21 13.44
C ASP A 86 -4.43 -2.19 12.34
N LEU A 87 -3.58 -2.21 11.32
CA LEU A 87 -3.85 -3.06 10.16
C LEU A 87 -3.60 -4.53 10.47
N SER A 88 -3.17 -4.89 11.66
CA SER A 88 -3.11 -6.31 12.04
C SER A 88 -4.40 -6.79 12.63
N ASP A 89 -5.39 -5.89 12.73
CA ASP A 89 -6.65 -6.18 13.48
C ASP A 89 -7.84 -6.07 12.56
N PRO A 90 -8.42 -7.18 12.14
CA PRO A 90 -9.54 -7.14 11.17
C PRO A 90 -10.74 -6.34 11.66
N GLU A 91 -11.04 -6.33 12.95
CA GLU A 91 -12.13 -5.52 13.49
C GLU A 91 -11.83 -4.02 13.29
N ASP A 92 -10.60 -3.63 13.56
CA ASP A 92 -10.20 -2.23 13.38
C ASP A 92 -10.19 -1.83 11.92
N ILE A 93 -9.78 -2.73 11.03
CA ILE A 93 -9.82 -2.44 9.57
C ILE A 93 -11.27 -2.18 9.15
N GLY A 94 -12.20 -2.96 9.66
CA GLY A 94 -13.61 -2.77 9.32
C GLY A 94 -14.09 -1.42 9.80
N LYS A 95 -13.67 -0.99 10.99
CA LYS A 95 -14.02 0.30 11.54
C LYS A 95 -13.45 1.44 10.67
N ALA A 96 -12.19 1.29 10.26
CA ALA A 96 -11.56 2.30 9.41
C ALA A 96 -12.21 2.40 8.04
N ILE A 97 -12.54 1.28 7.46
CA ILE A 97 -13.17 1.30 6.14
C ILE A 97 -14.47 2.05 6.24
N ALA A 98 -15.28 1.74 7.25
CA ALA A 98 -16.55 2.45 7.38
C ALA A 98 -16.37 3.96 7.60
N GLU A 99 -15.37 4.34 8.38
CA GLU A 99 -15.10 5.75 8.57
C GLU A 99 -14.61 6.42 7.28
N ILE A 100 -13.73 5.76 6.53
CA ILE A 100 -13.29 6.30 5.22
C ILE A 100 -14.51 6.49 4.30
N ARG A 101 -15.41 5.53 4.26
CA ARG A 101 -16.58 5.68 3.40
C ARG A 101 -17.39 6.88 3.81
N ARG A 102 -17.55 7.10 5.12
CA ARG A 102 -18.28 8.30 5.55
C ARG A 102 -17.58 9.59 5.08
N ARG A 103 -16.26 9.64 5.23
CA ARG A 103 -15.52 10.83 4.83
C ARG A 103 -15.57 11.07 3.34
N LEU A 104 -15.65 10.01 2.55
CA LEU A 104 -15.70 10.17 1.10
C LEU A 104 -17.03 10.62 0.61
N GLU A 105 -18.07 10.60 1.43
CA GLU A 105 -19.37 11.16 1.01
C GLU A 105 -19.21 12.63 0.58
N ALA A 106 -18.28 13.37 1.22
CA ALA A 106 -17.98 14.76 0.86
C ALA A 106 -17.44 14.92 -0.58
N ASN A 107 -16.79 13.87 -1.08
CA ASN A 107 -16.20 13.91 -2.40
C ASN A 107 -17.03 13.08 -3.39
N GLY A 108 -18.37 13.07 -3.20
CA GLY A 108 -19.27 12.21 -3.99
C GLY A 108 -19.14 10.67 -3.94
N SER A 109 -18.68 10.16 -2.79
CA SER A 109 -18.41 8.73 -2.56
C SER A 109 -17.56 8.10 -3.67
N LYS A 110 -16.52 8.85 -4.00
CA LYS A 110 -15.52 8.44 -5.00
C LYS A 110 -14.15 8.31 -4.37
N LEU A 111 -13.44 7.23 -4.67
CA LEU A 111 -12.06 7.07 -4.22
C LEU A 111 -11.24 6.88 -5.46
N HIS A 112 -10.43 7.88 -5.77
CA HIS A 112 -9.63 7.80 -6.99
C HIS A 112 -8.39 6.95 -6.85
N ALA A 113 -7.89 6.83 -5.63
CA ALA A 113 -6.68 6.00 -5.44
C ALA A 113 -6.63 5.40 -4.05
N LEU A 114 -6.25 4.14 -4.01
CA LEU A 114 -5.87 3.44 -2.79
C LEU A 114 -4.43 2.99 -2.96
N VAL A 115 -3.57 3.48 -2.08
CA VAL A 115 -2.14 3.09 -2.12
C VAL A 115 -1.82 2.31 -0.83
N ASN A 116 -1.43 1.07 -1.05
CA ASN A 116 -1.10 0.16 0.07
C ASN A 116 0.40 0.18 0.25
N ASN A 117 0.90 1.00 1.17
CA ASN A 117 2.34 1.09 1.41
C ASN A 117 2.69 0.60 2.82
N ALA A 118 1.70 0.30 3.67
CA ALA A 118 2.09 -0.26 4.97
C ALA A 118 2.83 -1.58 4.86
N GLY A 119 3.83 -1.75 5.71
CA GLY A 119 4.55 -3.02 5.71
C GLY A 119 5.36 -3.13 6.97
N ILE A 120 5.37 -4.34 7.55
CA ILE A 120 6.14 -4.60 8.76
C ILE A 120 7.09 -5.78 8.56
N SER A 121 8.20 -5.72 9.31
CA SER A 121 9.19 -6.82 9.30
C SER A 121 9.78 -6.94 10.71
N PRO A 122 9.04 -7.61 11.59
CA PRO A 122 9.50 -7.73 12.99
C PRO A 122 10.88 -8.38 13.12
N LYS A 123 11.71 -7.83 13.99
CA LYS A 123 13.05 -8.37 14.23
C LYS A 123 13.04 -9.42 15.33
N ALA A 124 14.02 -10.31 15.23
CA ALA A 124 14.26 -11.30 16.27
C ALA A 124 14.98 -10.61 17.42
N GLU A 125 15.17 -11.40 18.48
CA GLU A 125 15.83 -10.94 19.69
C GLU A 125 17.11 -10.17 19.36
N GLY A 126 17.26 -9.01 19.99
CA GLY A 126 18.45 -8.21 19.83
C GLY A 126 18.60 -7.57 18.47
N GLY A 127 17.48 -7.32 17.80
CA GLY A 127 17.49 -6.60 16.53
C GLY A 127 17.92 -7.43 15.32
N ARG A 128 18.00 -8.75 15.48
CA ARG A 128 18.46 -9.60 14.42
C ARG A 128 17.35 -9.80 13.35
N ARG A 129 17.77 -9.99 12.12
CA ARG A 129 16.90 -10.43 11.05
C ARG A 129 16.24 -11.75 11.43
N MET A 130 14.93 -11.86 11.20
CA MET A 130 14.17 -13.05 11.62
C MET A 130 13.95 -13.97 10.40
N ASN A 131 14.57 -15.15 10.49
CA ASN A 131 14.57 -16.07 9.29
C ASN A 131 13.46 -17.14 9.38
N SER A 132 13.50 -18.07 8.41
CA SER A 132 12.38 -19.01 8.29
C SER A 132 12.34 -19.99 9.45
N ILE A 133 13.48 -20.28 10.05
CA ILE A 133 13.56 -21.25 11.14
C ILE A 133 13.02 -20.62 12.44
N GLU A 134 13.25 -19.32 12.61
CA GLU A 134 13.02 -18.64 13.89
C GLU A 134 11.69 -17.91 13.96
N THR A 135 10.96 -17.77 12.85
CA THR A 135 9.74 -16.93 12.87
C THR A 135 8.58 -17.66 13.51
N PRO A 136 8.03 -17.16 14.60
CA PRO A 136 6.91 -17.88 15.24
C PRO A 136 5.64 -17.69 14.43
N MET A 137 4.72 -18.61 14.61
CA MET A 137 3.40 -18.54 14.02
C MET A 137 2.75 -17.18 14.12
N ALA A 138 2.85 -16.56 15.29
CA ALA A 138 2.18 -15.25 15.50
C ALA A 138 2.72 -14.19 14.55
N VAL A 139 4.04 -14.23 14.32
CA VAL A 139 4.63 -13.25 13.43
C VAL A 139 4.26 -13.55 12.00
N TRP A 140 4.29 -14.80 11.51
CA TRP A 140 3.84 -15.04 10.15
C TRP A 140 2.41 -14.51 9.96
N ARG A 141 1.54 -14.76 10.94
CA ARG A 141 0.17 -14.30 10.88
C ARG A 141 0.05 -12.79 10.80
N ASP A 142 0.73 -12.11 11.72
CA ASP A 142 0.54 -10.66 11.77
C ASP A 142 1.21 -9.97 10.60
N VAL A 143 2.34 -10.49 10.15
CA VAL A 143 2.97 -9.88 8.99
C VAL A 143 2.17 -10.08 7.72
N PHE A 144 1.59 -11.27 7.53
CA PHE A 144 0.73 -11.46 6.35
C PHE A 144 -0.56 -10.65 6.52
N GLN A 145 -1.10 -10.54 7.72
CA GLN A 145 -2.29 -9.68 7.86
C GLN A 145 -1.99 -8.23 7.47
N VAL A 146 -0.92 -7.61 7.98
CA VAL A 146 -0.64 -6.19 7.63
C VAL A 146 -0.20 -6.08 6.18
N ASN A 147 0.66 -6.99 5.69
CA ASN A 147 1.34 -6.71 4.42
C ASN A 147 0.56 -7.16 3.22
N PHE A 148 -0.31 -8.16 3.43
CA PHE A 148 -0.94 -8.89 2.35
C PHE A 148 -2.45 -8.85 2.48
N MET A 149 -3.02 -9.17 3.64
CA MET A 149 -4.49 -9.12 3.75
C MET A 149 -5.03 -7.73 3.79
N ALA A 150 -4.39 -6.81 4.51
CA ALA A 150 -5.00 -5.48 4.57
C ALA A 150 -5.14 -4.88 3.16
N PRO A 151 -4.19 -5.01 2.26
CA PRO A 151 -4.40 -4.46 0.90
C PRO A 151 -5.69 -4.98 0.24
N ILE A 152 -5.97 -6.27 0.29
CA ILE A 152 -7.21 -6.70 -0.37
C ILE A 152 -8.44 -6.40 0.48
N MET A 153 -8.36 -6.42 1.81
CA MET A 153 -9.52 -6.06 2.63
C MET A 153 -9.89 -4.60 2.35
N LEU A 154 -8.87 -3.73 2.25
CA LEU A 154 -9.17 -2.30 2.02
C LEU A 154 -9.77 -2.15 0.59
N ALA A 155 -9.17 -2.78 -0.41
CA ALA A 155 -9.66 -2.62 -1.78
C ALA A 155 -11.09 -3.11 -1.93
N ARG A 156 -11.43 -4.27 -1.38
CA ARG A 156 -12.79 -4.74 -1.56
C ARG A 156 -13.76 -4.00 -0.62
N GLY A 157 -13.25 -3.56 0.56
CA GLY A 157 -14.08 -2.75 1.45
C GLY A 157 -14.48 -1.40 0.87
N LEU A 158 -13.57 -0.85 0.07
CA LEU A 158 -13.75 0.46 -0.56
C LEU A 158 -14.13 0.30 -2.04
N PHE A 159 -14.63 -0.88 -2.38
CA PHE A 159 -14.88 -1.20 -3.79
C PHE A 159 -15.88 -0.26 -4.43
N LYS A 160 -16.96 0.09 -3.71
CA LYS A 160 -18.02 0.93 -4.32
C LYS A 160 -17.42 2.30 -4.73
N GLU A 161 -16.57 2.83 -3.85
CA GLU A 161 -16.01 4.15 -4.10
C GLU A 161 -14.92 4.10 -5.18
N LEU A 162 -14.08 3.05 -5.18
CA LEU A 162 -13.11 2.88 -6.28
C LEU A 162 -13.84 2.73 -7.64
N GLU A 163 -14.95 1.97 -7.63
N GLU A 163 -14.95 1.97 -7.62
CA GLU A 163 -15.72 1.78 -8.87
CA GLU A 163 -15.72 1.76 -8.84
C GLU A 163 -16.36 3.09 -9.32
C GLU A 163 -16.36 3.08 -9.32
N ALA A 164 -16.93 3.84 -8.40
CA ALA A 164 -17.57 5.12 -8.75
C ALA A 164 -16.56 6.10 -9.38
N ALA A 165 -15.31 6.06 -8.92
CA ALA A 165 -14.27 6.93 -9.46
C ALA A 165 -13.55 6.34 -10.65
N GLN A 166 -13.80 5.06 -10.99
CA GLN A 166 -12.97 4.31 -11.92
C GLN A 166 -11.51 4.51 -11.55
N GLY A 167 -11.25 4.26 -10.27
CA GLY A 167 -9.98 4.58 -9.64
C GLY A 167 -8.89 3.55 -9.83
N SER A 168 -7.87 3.68 -8.97
CA SER A 168 -6.60 2.95 -9.13
C SER A 168 -6.16 2.40 -7.81
N VAL A 169 -5.65 1.18 -7.79
CA VAL A 169 -5.07 0.60 -6.57
C VAL A 169 -3.61 0.37 -6.85
N VAL A 170 -2.76 0.80 -5.94
CA VAL A 170 -1.30 0.59 -6.07
C VAL A 170 -0.85 -0.17 -4.83
N ASN A 171 -0.23 -1.33 -5.07
CA ASN A 171 0.41 -2.11 -3.98
C ASN A 171 1.88 -1.95 -4.06
N VAL A 172 2.52 -1.48 -3.00
CA VAL A 172 3.98 -1.29 -3.02
C VAL A 172 4.65 -2.62 -2.64
N THR A 173 5.38 -3.20 -3.58
CA THR A 173 6.05 -4.49 -3.37
C THR A 173 7.48 -4.21 -2.96
N SER A 174 8.37 -5.18 -3.05
CA SER A 174 9.73 -4.99 -2.52
C SER A 174 10.73 -5.83 -3.26
N ILE A 175 11.98 -5.37 -3.34
N ILE A 175 11.96 -5.35 -3.34
CA ILE A 175 13.02 -6.25 -3.89
CA ILE A 175 13.07 -6.15 -3.84
C ILE A 175 13.13 -7.51 -3.02
C ILE A 175 13.18 -7.45 -3.02
N ALA A 176 12.77 -7.44 -1.74
CA ALA A 176 12.87 -8.66 -0.89
C ALA A 176 11.90 -9.72 -1.39
N GLY A 177 10.89 -9.34 -2.15
CA GLY A 177 9.94 -10.32 -2.64
C GLY A 177 10.57 -11.22 -3.70
N SER A 178 11.71 -10.80 -4.27
N SER A 178 11.70 -10.82 -4.27
CA SER A 178 12.43 -11.57 -5.31
CA SER A 178 12.34 -11.68 -5.27
C SER A 178 13.77 -12.10 -4.88
C SER A 178 13.79 -12.01 -4.98
N ARG A 179 14.40 -11.46 -3.91
CA ARG A 179 15.78 -11.83 -3.56
C ARG A 179 15.96 -11.70 -2.06
N VAL A 180 16.75 -12.59 -1.48
CA VAL A 180 17.02 -12.56 -0.05
C VAL A 180 17.80 -11.29 0.30
N HIS A 181 17.32 -10.56 1.30
CA HIS A 181 17.95 -9.27 1.65
C HIS A 181 18.27 -9.27 3.12
N PRO A 182 19.46 -8.77 3.51
CA PRO A 182 19.86 -8.77 4.92
C PRO A 182 18.96 -7.90 5.79
N PHE A 183 18.31 -6.93 5.19
CA PHE A 183 17.53 -6.01 5.99
C PHE A 183 16.08 -6.43 6.18
N ALA A 184 15.65 -7.48 5.50
CA ALA A 184 14.24 -7.86 5.51
C ALA A 184 14.14 -9.32 5.91
N GLY A 185 13.35 -9.60 6.93
CA GLY A 185 13.16 -10.97 7.35
C GLY A 185 12.31 -11.80 6.42
N THR A 186 12.23 -13.09 6.73
CA THR A 186 11.54 -14.00 5.86
C THR A 186 10.03 -13.74 5.78
N ALA A 187 9.39 -13.36 6.88
CA ALA A 187 7.96 -13.10 6.79
C ALA A 187 7.69 -11.89 5.88
N TYR A 188 8.55 -10.85 5.97
CA TYR A 188 8.39 -9.72 5.07
C TYR A 188 8.60 -10.13 3.62
N ALA A 189 9.68 -10.85 3.33
CA ALA A 189 9.98 -11.26 1.96
C ALA A 189 8.85 -12.04 1.36
N THR A 190 8.41 -13.07 2.12
CA THR A 190 7.36 -13.92 1.57
C THR A 190 6.00 -13.24 1.43
N SER A 191 5.68 -12.32 2.35
CA SER A 191 4.42 -11.59 2.25
C SER A 191 4.49 -10.62 1.09
N LYS A 192 5.66 -10.07 0.82
CA LYS A 192 5.75 -9.16 -0.32
C LYS A 192 5.70 -9.92 -1.65
N ALA A 193 6.28 -11.10 -1.69
CA ALA A 193 6.13 -11.98 -2.88
C ALA A 193 4.64 -12.32 -3.07
N ALA A 194 3.95 -12.64 -1.97
CA ALA A 194 2.53 -12.92 -2.07
C ALA A 194 1.75 -11.65 -2.53
N LEU A 195 2.17 -10.49 -2.08
CA LEU A 195 1.47 -9.26 -2.49
C LEU A 195 1.67 -9.01 -4.00
N ALA A 196 2.83 -9.32 -4.58
CA ALA A 196 2.98 -9.13 -6.01
C ALA A 196 1.99 -10.06 -6.76
N ALA A 197 1.89 -11.30 -6.32
CA ALA A 197 0.92 -12.20 -6.95
C ALA A 197 -0.52 -11.76 -6.73
N LEU A 198 -0.82 -11.26 -5.52
CA LEU A 198 -2.16 -10.68 -5.29
C LEU A 198 -2.46 -9.54 -6.23
N THR A 199 -1.48 -8.71 -6.50
CA THR A 199 -1.69 -7.56 -7.39
C THR A 199 -2.09 -8.05 -8.79
N ARG A 200 -1.40 -9.09 -9.30
CA ARG A 200 -1.72 -9.67 -10.58
C ARG A 200 -3.17 -10.20 -10.62
N GLU A 201 -3.53 -10.93 -9.56
CA GLU A 201 -4.87 -11.51 -9.47
C GLU A 201 -5.92 -10.41 -9.35
N MET A 202 -5.66 -9.41 -8.49
CA MET A 202 -6.59 -8.29 -8.33
C MET A 202 -6.77 -7.58 -9.68
N ALA A 203 -5.69 -7.37 -10.44
CA ALA A 203 -5.88 -6.67 -11.70
C ALA A 203 -6.89 -7.41 -12.60
N SER A 204 -6.80 -8.74 -12.68
N SER A 204 -6.79 -8.73 -12.62
CA SER A 204 -7.79 -9.47 -13.48
CA SER A 204 -7.69 -9.53 -13.41
C SER A 204 -9.18 -9.31 -12.89
C SER A 204 -9.14 -9.45 -12.90
N ASP A 205 -9.29 -9.42 -11.56
CA ASP A 205 -10.61 -9.37 -10.95
C ASP A 205 -11.30 -8.03 -10.99
N PHE A 206 -10.51 -6.96 -10.84
CA PHE A 206 -11.04 -5.60 -10.76
C PHE A 206 -11.19 -4.96 -12.14
N GLY A 207 -10.46 -5.47 -13.12
CA GLY A 207 -10.49 -4.93 -14.48
C GLY A 207 -11.86 -4.76 -15.07
N PRO A 208 -12.71 -5.79 -15.02
CA PRO A 208 -14.05 -5.65 -15.60
C PRO A 208 -14.92 -4.60 -14.91
N TYR A 209 -14.52 -4.11 -13.74
CA TYR A 209 -15.24 -3.06 -13.03
C TYR A 209 -14.63 -1.70 -13.32
N GLY A 210 -13.57 -1.68 -14.12
CA GLY A 210 -12.93 -0.41 -14.48
C GLY A 210 -11.89 0.12 -13.53
N ILE A 211 -11.43 -0.72 -12.61
CA ILE A 211 -10.45 -0.32 -11.58
C ILE A 211 -9.12 -0.96 -11.91
N ARG A 212 -8.07 -0.16 -12.09
CA ARG A 212 -6.75 -0.69 -12.47
C ARG A 212 -5.99 -0.95 -11.18
N VAL A 213 -5.15 -1.97 -11.25
CA VAL A 213 -4.39 -2.45 -10.07
C VAL A 213 -2.96 -2.76 -10.51
N ASN A 214 -1.99 -2.13 -9.84
CA ASN A 214 -0.58 -2.28 -10.22
C ASN A 214 0.30 -2.28 -9.00
N ALA A 215 1.53 -2.76 -9.17
CA ALA A 215 2.52 -2.76 -8.09
C ALA A 215 3.73 -1.94 -8.50
N ILE A 216 4.44 -1.47 -7.49
N ILE A 216 4.45 -1.44 -7.51
CA ILE A 216 5.72 -0.80 -7.62
CA ILE A 216 5.73 -0.83 -7.75
C ILE A 216 6.69 -1.39 -6.63
C ILE A 216 6.69 -1.35 -6.68
N ALA A 217 7.85 -1.82 -7.14
CA ALA A 217 8.92 -2.30 -6.25
C ALA A 217 10.03 -1.27 -6.27
N PRO A 218 10.25 -0.56 -5.15
CA PRO A 218 11.37 0.38 -5.12
C PRO A 218 12.71 -0.35 -5.33
N GLY A 219 13.76 0.41 -5.67
CA GLY A 219 15.05 -0.17 -5.97
C GLY A 219 15.74 -0.70 -4.73
N GLU A 220 15.37 -0.18 -3.57
CA GLU A 220 16.02 -0.53 -2.33
C GLU A 220 14.97 -0.89 -1.30
N ILE A 221 15.39 -1.54 -0.22
N ILE A 221 15.39 -1.53 -0.22
CA ILE A 221 14.48 -1.86 0.86
CA ILE A 221 14.48 -1.85 0.85
C ILE A 221 13.92 -0.60 1.49
C ILE A 221 13.90 -0.57 1.43
N ASP A 222 12.61 -0.58 1.74
CA ASP A 222 11.97 0.56 2.38
C ASP A 222 12.55 0.79 3.78
N THR A 223 13.10 1.97 4.01
CA THR A 223 13.74 2.25 5.31
C THR A 223 12.75 2.23 6.47
N ALA A 224 11.46 2.30 6.17
CA ALA A 224 10.47 2.30 7.20
C ALA A 224 10.40 0.95 7.96
N ILE A 225 11.00 -0.11 7.43
CA ILE A 225 11.09 -1.37 8.21
C ILE A 225 12.42 -1.49 8.96
N LEU A 226 13.24 -0.46 8.91
CA LEU A 226 14.53 -0.52 9.58
C LEU A 226 14.44 0.06 10.98
N SER A 227 15.57 0.03 11.69
CA SER A 227 15.69 0.54 13.05
C SER A 227 15.31 2.01 13.19
N GLY A 243 15.61 11.80 -3.52
CA GLY A 243 15.71 11.44 -4.93
C GLY A 243 15.09 10.08 -5.24
N LYS A 244 15.56 9.03 -4.56
CA LYS A 244 15.02 7.69 -4.75
C LYS A 244 13.57 7.65 -4.26
N THR A 245 13.32 8.24 -3.09
CA THR A 245 11.95 8.24 -2.58
C THR A 245 11.07 9.12 -3.45
N SER A 246 11.61 10.22 -3.96
N SER A 246 11.63 10.23 -3.95
CA SER A 246 10.83 11.07 -4.86
CA SER A 246 10.88 11.09 -4.86
C SER A 246 10.43 10.29 -6.10
C SER A 246 10.44 10.30 -6.08
N GLU A 247 11.32 9.45 -6.60
CA GLU A 247 10.99 8.65 -7.78
C GLU A 247 9.89 7.63 -7.51
N VAL A 248 9.89 7.02 -6.31
CA VAL A 248 8.79 6.10 -5.97
C VAL A 248 7.48 6.86 -5.91
N ALA A 249 7.49 8.04 -5.29
CA ALA A 249 6.27 8.82 -5.15
C ALA A 249 5.76 9.27 -6.52
N GLU A 250 6.69 9.61 -7.41
CA GLU A 250 6.32 10.05 -8.76
C GLU A 250 5.67 8.89 -9.51
N THR A 251 6.20 7.68 -9.31
CA THR A 251 5.61 6.55 -10.02
C THR A 251 4.25 6.17 -9.45
N ILE A 252 4.08 6.25 -8.14
CA ILE A 252 2.75 6.03 -7.57
C ILE A 252 1.79 7.06 -8.13
N TYR A 253 2.18 8.33 -8.16
CA TYR A 253 1.34 9.37 -8.74
C TYR A 253 1.00 9.06 -10.20
N PHE A 254 1.98 8.69 -11.01
CA PHE A 254 1.71 8.25 -12.40
C PHE A 254 0.60 7.18 -12.43
N LEU A 255 0.74 6.16 -11.59
CA LEU A 255 -0.20 5.03 -11.60
C LEU A 255 -1.61 5.44 -11.17
N CYS A 256 -1.76 6.61 -10.60
CA CYS A 256 -3.04 7.10 -10.11
C CYS A 256 -3.64 8.21 -10.93
N THR A 257 -2.96 8.59 -12.03
CA THR A 257 -3.45 9.69 -12.86
C THR A 257 -3.64 9.24 -14.29
N GLU A 258 -4.14 10.15 -15.13
CA GLU A 258 -4.70 9.82 -16.44
C GLU A 258 -3.69 9.12 -17.35
N THR A 259 -2.40 9.42 -17.20
CA THR A 259 -1.39 8.82 -18.08
C THR A 259 -1.31 7.31 -17.97
N SER A 260 -1.71 6.75 -16.82
CA SER A 260 -1.70 5.32 -16.68
C SER A 260 -3.07 4.66 -16.84
N SER A 261 -4.00 5.34 -17.50
CA SER A 261 -5.37 4.86 -17.70
C SER A 261 -5.47 3.46 -18.17
N TYR A 262 -4.52 3.03 -19.01
CA TYR A 262 -4.63 1.72 -19.63
C TYR A 262 -3.70 0.71 -19.00
N VAL A 263 -3.02 1.11 -17.93
CA VAL A 263 -1.99 0.26 -17.33
C VAL A 263 -2.60 -0.51 -16.18
N THR A 264 -2.62 -1.82 -16.30
CA THR A 264 -3.07 -2.64 -15.15
C THR A 264 -2.34 -3.99 -15.17
N GLY A 265 -2.21 -4.56 -13.98
CA GLY A 265 -1.53 -5.85 -13.84
C GLY A 265 -0.04 -5.78 -14.00
N SER A 266 0.52 -4.58 -13.85
N SER A 266 0.51 -4.58 -13.87
CA SER A 266 1.96 -4.42 -14.07
CA SER A 266 1.95 -4.40 -14.04
C SER A 266 2.66 -4.23 -12.73
C SER A 266 2.64 -4.30 -12.68
N GLU A 267 3.94 -4.61 -12.68
CA GLU A 267 4.79 -4.35 -11.54
C GLU A 267 6.01 -3.56 -12.04
N ILE A 268 6.08 -2.31 -11.65
CA ILE A 268 7.15 -1.42 -12.06
C ILE A 268 8.31 -1.55 -11.10
N HIS A 269 9.49 -1.89 -11.62
CA HIS A 269 10.69 -1.94 -10.79
C HIS A 269 11.49 -0.68 -10.91
N ILE A 270 11.68 0.04 -9.82
CA ILE A 270 12.49 1.24 -9.88
C ILE A 270 13.94 0.79 -9.87
N ASN A 271 14.74 1.37 -10.77
CA ASN A 271 16.15 0.99 -10.86
C ASN A 271 16.95 1.65 -9.75
#